data_3D6J
#
_entry.id   3D6J
#
_cell.length_a   62.620
_cell.length_b   62.620
_cell.length_c   133.913
_cell.angle_alpha   90.00
_cell.angle_beta   90.00
_cell.angle_gamma   90.00
#
_symmetry.space_group_name_H-M   'P 41 21 2'
#
loop_
_entity.id
_entity.type
_entity.pdbx_description
1 polymer 'Putative haloacid dehalogenase-like hydrolase'
2 non-polymer 'PHOSPHATE ION'
3 non-polymer GLYCEROL
4 water water
#
_entity_poly.entity_id   1
_entity_poly.type   'polypeptide(L)'
_entity_poly.pdbx_seq_one_letter_code
;SNA(MSE)KYTVYLFDFDYTLADSSRGIVTCFRSVLERHGYTGITDD(MSE)IKRTIGKTLEESFSILTGITDADQLESF
RQEYSKEADIY(MSE)NANTILFPDTLPTLTHLKKQGIRIGIISTKYRFRILSFLRNH(MSE)PDDWFDIIIGGEDVTHH
KPDPEGLLLAIDRLKACPEEVLYIGDSTVDAGTAAAAGVSFTGVTSG(MSE)TTAQEFQAYPYDRIISTLGQLISVPEDK
SGCPL
;
_entity_poly.pdbx_strand_id   A
#
loop_
_chem_comp.id
_chem_comp.type
_chem_comp.name
_chem_comp.formula
GOL non-polymer GLYCEROL 'C3 H8 O3'
PO4 non-polymer 'PHOSPHATE ION' 'O4 P -3'
#
# COMPACT_ATOMS: atom_id res chain seq x y z
N LYS A 5 21.20 -5.21 11.47
CA LYS A 5 20.25 -4.26 12.10
CA LYS A 5 20.28 -4.21 12.12
C LYS A 5 19.71 -3.24 11.09
N TYR A 6 18.42 -2.95 11.22
CA TYR A 6 17.78 -1.98 10.33
C TYR A 6 17.66 -0.62 11.01
N THR A 7 17.98 0.45 10.28
CA THR A 7 17.86 1.82 10.80
C THR A 7 16.78 2.62 10.05
N VAL A 8 16.16 1.96 9.08
CA VAL A 8 15.11 2.52 8.23
C VAL A 8 14.03 1.45 8.01
N TYR A 9 12.81 1.74 8.47
CA TYR A 9 11.68 0.86 8.22
C TYR A 9 10.74 1.55 7.23
N LEU A 10 10.57 0.95 6.06
CA LEU A 10 9.69 1.52 5.03
C LEU A 10 8.43 0.67 4.99
N PHE A 11 7.30 1.34 4.96
CA PHE A 11 6.01 0.68 5.03
C PHE A 11 5.19 0.92 3.77
N ASP A 12 4.55 -0.15 3.30
CA ASP A 12 3.34 -0.05 2.49
C ASP A 12 2.23 0.69 3.27
N PHE A 13 1.22 1.21 2.57
CA PHE A 13 0.13 1.95 3.23
C PHE A 13 -1.15 1.13 3.36
N ASP A 14 -1.84 0.89 2.25
CA ASP A 14 -3.12 0.15 2.28
C ASP A 14 -2.94 -1.25 2.84
N TYR A 15 -3.75 -1.61 3.85
CA TYR A 15 -3.64 -2.93 4.51
C TYR A 15 -2.40 -3.16 5.36
N THR A 16 -1.56 -2.14 5.50
CA THR A 16 -0.36 -2.28 6.28
C THR A 16 -0.37 -1.26 7.42
N LEU A 17 -0.45 0.04 7.09
CA LEU A 17 -0.54 1.07 8.14
C LEU A 17 -1.97 1.46 8.48
N ALA A 18 -2.88 1.25 7.54
CA ALA A 18 -4.26 1.68 7.63
C ALA A 18 -5.15 0.67 6.94
N ASP A 19 -6.33 0.38 7.51
CA ASP A 19 -7.26 -0.45 6.78
C ASP A 19 -8.15 0.47 5.94
N SER A 20 -7.79 0.62 4.67
CA SER A 20 -8.56 1.44 3.75
C SER A 20 -9.56 0.61 2.92
N SER A 21 -9.74 -0.67 3.25
CA SER A 21 -10.50 -1.59 2.38
C SER A 21 -11.98 -1.21 2.21
N ARG A 22 -12.60 -0.62 3.23
CA ARG A 22 -14.00 -0.21 3.10
CA ARG A 22 -14.00 -0.18 3.14
C ARG A 22 -14.17 0.91 2.08
N GLY A 23 -13.28 1.93 2.15
CA GLY A 23 -13.28 3.03 1.17
C GLY A 23 -12.96 2.55 -0.24
N ILE A 24 -11.94 1.70 -0.36
CA ILE A 24 -11.53 1.09 -1.65
C ILE A 24 -12.65 0.27 -2.26
N VAL A 25 -13.29 -0.60 -1.49
CA VAL A 25 -14.43 -1.39 -2.04
C VAL A 25 -15.60 -0.49 -2.47
N THR A 26 -15.89 0.56 -1.69
CA THR A 26 -16.98 1.48 -2.05
C THR A 26 -16.75 2.19 -3.39
N CYS A 27 -15.51 2.63 -3.60
CA CYS A 27 -15.16 3.37 -4.81
C CYS A 27 -15.12 2.47 -6.06
N PHE A 28 -14.50 1.29 -5.93
CA PHE A 28 -14.49 0.31 -7.03
C PHE A 28 -15.89 -0.08 -7.39
N ARG A 29 -16.73 -0.32 -6.38
CA ARG A 29 -18.10 -0.80 -6.65
C ARG A 29 -18.96 0.25 -7.37
N SER A 30 -18.88 1.52 -6.95
CA SER A 30 -19.62 2.60 -7.59
CA SER A 30 -19.61 2.61 -7.58
C SER A 30 -19.33 2.62 -9.10
N VAL A 31 -18.06 2.69 -9.46
CA VAL A 31 -17.59 2.68 -10.86
C VAL A 31 -17.98 1.40 -11.62
N LEU A 32 -17.70 0.23 -11.05
CA LEU A 32 -18.02 -1.04 -11.75
C LEU A 32 -19.51 -1.16 -12.05
N GLU A 33 -20.33 -0.75 -11.07
CA GLU A 33 -21.76 -0.87 -11.20
C GLU A 33 -22.38 0.21 -12.11
N ARG A 34 -21.76 1.40 -12.19
CA ARG A 34 -22.25 2.40 -13.14
CA ARG A 34 -22.22 2.43 -13.13
C ARG A 34 -22.00 1.96 -14.58
N HIS A 35 -21.03 1.07 -14.76
CA HIS A 35 -20.71 0.52 -16.11
C HIS A 35 -21.25 -0.87 -16.36
N GLY A 36 -22.13 -1.34 -15.50
CA GLY A 36 -22.93 -2.53 -15.80
C GLY A 36 -22.31 -3.80 -15.24
N TYR A 37 -21.21 -3.67 -14.50
CA TYR A 37 -20.51 -4.84 -13.96
C TYR A 37 -21.12 -5.27 -12.63
N THR A 38 -21.85 -6.38 -12.65
CA THR A 38 -22.55 -6.87 -11.47
C THR A 38 -21.94 -8.17 -10.96
N GLY A 39 -22.32 -8.55 -9.73
CA GLY A 39 -21.87 -9.81 -9.11
C GLY A 39 -20.37 -9.88 -8.84
N ILE A 40 -19.73 -8.74 -8.75
CA ILE A 40 -18.34 -8.69 -8.32
C ILE A 40 -18.34 -8.55 -6.82
N THR A 41 -17.79 -9.54 -6.12
CA THR A 41 -17.76 -9.58 -4.65
C THR A 41 -16.71 -8.66 -4.00
N ASP A 42 -16.93 -8.34 -2.71
CA ASP A 42 -15.96 -7.58 -1.96
C ASP A 42 -14.57 -8.25 -2.02
N ASP A 43 -14.53 -9.56 -1.82
CA ASP A 43 -13.25 -10.30 -1.85
C ASP A 43 -12.50 -10.19 -3.15
N MSE A 44 -13.23 -10.23 -4.27
CA MSE A 44 -12.62 -10.09 -5.61
C MSE A 44 -11.95 -8.72 -5.72
O MSE A 44 -10.86 -8.59 -6.23
CB MSE A 44 -13.65 -10.30 -6.73
CG MSE A 44 -14.10 -11.76 -6.91
SE MSE A 44 -15.63 -11.86 -8.07
CE MSE A 44 -16.66 -13.29 -7.31
N ILE A 45 -12.61 -7.71 -5.19
CA ILE A 45 -12.04 -6.37 -5.17
C ILE A 45 -10.83 -6.30 -4.22
N LYS A 46 -11.01 -6.77 -2.99
CA LYS A 46 -9.99 -6.70 -1.94
C LYS A 46 -8.71 -7.44 -2.33
N ARG A 47 -8.85 -8.53 -3.09
CA ARG A 47 -7.66 -9.24 -3.57
C ARG A 47 -6.79 -8.42 -4.55
N THR A 48 -7.36 -7.39 -5.19
CA THR A 48 -6.59 -6.53 -6.07
C THR A 48 -6.00 -5.32 -5.35
N ILE A 49 -6.38 -5.07 -4.09
CA ILE A 49 -5.85 -3.95 -3.33
C ILE A 49 -4.33 -3.95 -3.29
N GLY A 50 -3.73 -2.86 -3.76
CA GLY A 50 -2.27 -2.66 -3.82
C GLY A 50 -1.66 -2.81 -5.21
N LYS A 51 -2.52 -3.16 -6.17
CA LYS A 51 -2.21 -3.10 -7.60
C LYS A 51 -2.59 -1.67 -8.02
N THR A 52 -2.14 -1.24 -9.21
CA THR A 52 -2.54 0.10 -9.70
C THR A 52 -4.05 0.07 -10.01
N LEU A 53 -4.70 1.23 -9.94
CA LEU A 53 -6.16 1.29 -10.24
C LEU A 53 -6.43 0.69 -11.63
N GLU A 54 -5.56 0.97 -12.61
CA GLU A 54 -5.71 0.42 -13.95
C GLU A 54 -5.62 -1.13 -13.92
N GLU A 55 -4.60 -1.67 -13.24
CA GLU A 55 -4.45 -3.14 -13.08
C GLU A 55 -5.71 -3.74 -12.45
N SER A 56 -6.23 -3.07 -11.41
CA SER A 56 -7.39 -3.56 -10.68
C SER A 56 -8.62 -3.65 -11.58
N PHE A 57 -8.85 -2.61 -12.37
CA PHE A 57 -9.98 -2.54 -13.28
C PHE A 57 -9.85 -3.56 -14.37
N SER A 58 -8.62 -3.79 -14.82
CA SER A 58 -8.39 -4.76 -15.89
C SER A 58 -8.68 -6.19 -15.46
N ILE A 59 -8.21 -6.55 -14.27
CA ILE A 59 -8.51 -7.85 -13.66
C ILE A 59 -10.03 -8.10 -13.51
N LEU A 60 -10.73 -7.09 -13.03
CA LEU A 60 -12.14 -7.22 -12.69
C LEU A 60 -13.09 -7.17 -13.89
N THR A 61 -12.74 -6.41 -14.93
CA THR A 61 -13.58 -6.26 -16.14
C THR A 61 -12.99 -7.01 -17.36
N GLY A 62 -11.69 -7.28 -17.34
CA GLY A 62 -11.01 -7.74 -18.54
C GLY A 62 -10.67 -6.63 -19.56
N ILE A 63 -11.06 -5.38 -19.29
CA ILE A 63 -10.75 -4.31 -20.24
CA ILE A 63 -10.74 -4.28 -20.22
C ILE A 63 -9.25 -4.04 -20.23
N THR A 64 -8.66 -3.90 -21.42
CA THR A 64 -7.25 -3.52 -21.54
C THR A 64 -7.05 -2.20 -22.26
N ASP A 65 -8.09 -1.64 -22.86
CA ASP A 65 -7.94 -0.40 -23.57
C ASP A 65 -7.40 0.74 -22.69
N ALA A 66 -6.27 1.35 -23.08
CA ALA A 66 -5.61 2.36 -22.24
C ALA A 66 -6.54 3.53 -21.89
N ASP A 67 -7.34 3.95 -22.87
CA ASP A 67 -8.30 5.05 -22.71
C ASP A 67 -9.42 4.74 -21.74
N GLN A 68 -10.03 3.57 -21.88
CA GLN A 68 -11.10 3.14 -20.97
C GLN A 68 -10.59 3.00 -19.51
N LEU A 69 -9.43 2.37 -19.34
CA LEU A 69 -8.83 2.23 -18.00
C LEU A 69 -8.50 3.59 -17.33
N GLU A 70 -8.09 4.55 -18.15
CA GLU A 70 -7.81 5.90 -17.69
C GLU A 70 -9.11 6.52 -17.23
N SER A 71 -10.16 6.23 -17.94
CA SER A 71 -11.45 6.81 -17.66
C SER A 71 -12.00 6.25 -16.34
N PHE A 72 -11.86 4.93 -16.13
CA PHE A 72 -12.22 4.30 -14.85
C PHE A 72 -11.42 4.90 -13.71
N ARG A 73 -10.11 5.10 -13.92
CA ARG A 73 -9.21 5.69 -12.93
C ARG A 73 -9.69 7.05 -12.46
N GLN A 74 -9.98 7.94 -13.43
CA GLN A 74 -10.57 9.25 -13.17
C GLN A 74 -11.90 9.15 -12.42
N GLU A 75 -12.79 8.27 -12.86
CA GLU A 75 -14.08 8.12 -12.17
C GLU A 75 -13.88 7.62 -10.73
N TYR A 76 -12.95 6.68 -10.58
CA TYR A 76 -12.58 6.20 -9.24
C TYR A 76 -12.05 7.33 -8.33
N SER A 77 -11.09 8.11 -8.83
N SER A 77 -11.10 8.11 -8.85
CA SER A 77 -10.50 9.20 -8.05
CA SER A 77 -10.49 9.21 -8.12
C SER A 77 -11.57 10.16 -7.53
C SER A 77 -11.52 10.20 -7.58
N LYS A 78 -12.58 10.42 -8.37
CA LYS A 78 -13.66 11.31 -8.02
C LYS A 78 -14.46 10.76 -6.84
N GLU A 79 -14.81 9.47 -6.87
CA GLU A 79 -15.42 8.79 -5.71
C GLU A 79 -14.53 8.84 -4.48
N ALA A 80 -13.23 8.58 -4.71
CA ALA A 80 -12.26 8.54 -3.63
C ALA A 80 -12.11 9.87 -2.94
N ASP A 81 -12.25 10.97 -3.68
CA ASP A 81 -12.22 12.29 -3.07
C ASP A 81 -13.30 12.40 -2.01
N ILE A 82 -14.44 11.73 -2.22
CA ILE A 82 -15.59 11.76 -1.32
C ILE A 82 -15.47 10.73 -0.18
N TYR A 83 -15.13 9.49 -0.51
CA TYR A 83 -15.29 8.40 0.44
C TYR A 83 -14.05 7.78 1.02
N MSE A 84 -12.91 7.97 0.37
CA MSE A 84 -11.70 7.19 0.71
C MSE A 84 -11.21 7.35 2.15
O MSE A 84 -11.25 6.41 2.93
CB MSE A 84 -10.57 7.47 -0.28
CG MSE A 84 -9.31 6.61 -0.05
SE MSE A 84 -9.69 4.70 -0.10
CE MSE A 84 -10.00 4.55 -2.00
N ASN A 85 -10.73 8.55 2.49
CA ASN A 85 -10.14 8.73 3.81
C ASN A 85 -11.15 8.67 4.95
N ALA A 86 -12.42 8.93 4.64
CA ALA A 86 -13.47 8.83 5.66
C ALA A 86 -13.73 7.38 6.02
N ASN A 87 -13.38 6.48 5.10
CA ASN A 87 -13.63 5.06 5.27
C ASN A 87 -12.30 4.32 5.28
N THR A 88 -11.32 4.96 5.91
CA THR A 88 -10.05 4.37 6.20
C THR A 88 -9.87 4.51 7.70
N ILE A 89 -9.41 3.43 8.34
CA ILE A 89 -9.14 3.47 9.79
C ILE A 89 -7.66 3.12 10.04
N LEU A 90 -7.10 3.58 11.16
CA LEU A 90 -5.80 3.07 11.65
C LEU A 90 -5.92 1.59 12.09
N PHE A 91 -4.84 0.83 11.99
CA PHE A 91 -4.75 -0.48 12.65
C PHE A 91 -4.44 -0.26 14.11
N PRO A 92 -4.91 -1.18 14.99
CA PRO A 92 -4.68 -1.07 16.42
C PRO A 92 -3.23 -0.80 16.83
N ASP A 93 -2.27 -1.27 16.03
CA ASP A 93 -0.86 -1.19 16.40
C ASP A 93 -0.09 -0.08 15.68
N THR A 94 -0.75 0.72 14.86
CA THR A 94 -0.05 1.63 13.96
C THR A 94 0.70 2.71 14.74
N LEU A 95 -0.04 3.45 15.56
CA LEU A 95 0.54 4.55 16.30
C LEU A 95 1.55 4.10 17.36
N PRO A 96 1.19 3.09 18.18
CA PRO A 96 2.23 2.71 19.18
C PRO A 96 3.50 2.16 18.54
N THR A 97 3.38 1.47 17.41
CA THR A 97 4.55 0.85 16.79
C THR A 97 5.49 1.94 16.27
N LEU A 98 4.91 2.84 15.47
CA LEU A 98 5.66 3.88 14.82
C LEU A 98 6.27 4.82 15.84
N THR A 99 5.56 5.06 16.97
CA THR A 99 6.11 5.83 18.07
C THR A 99 7.34 5.15 18.68
N HIS A 100 7.24 3.83 18.86
CA HIS A 100 8.33 3.04 19.42
C HIS A 100 9.56 3.08 18.52
N LEU A 101 9.37 2.94 17.20
CA LEU A 101 10.47 2.99 16.25
C LEU A 101 11.16 4.36 16.25
N LYS A 102 10.38 5.43 16.28
CA LYS A 102 10.93 6.78 16.28
C LYS A 102 11.70 7.10 17.56
N LYS A 103 11.27 6.53 18.68
CA LYS A 103 12.02 6.62 19.94
C LYS A 103 13.35 5.90 19.85
N GLN A 104 13.39 4.81 19.08
CA GLN A 104 14.65 4.11 18.80
C GLN A 104 15.57 4.94 17.90
N GLY A 105 15.03 5.97 17.25
CA GLY A 105 15.81 6.76 16.30
C GLY A 105 15.90 6.08 14.94
N ILE A 106 15.02 5.13 14.70
CA ILE A 106 14.83 4.58 13.38
C ILE A 106 14.05 5.61 12.52
N ARG A 107 14.45 5.74 11.26
CA ARG A 107 13.78 6.56 10.26
C ARG A 107 12.64 5.76 9.61
N ILE A 108 11.48 6.38 9.47
CA ILE A 108 10.36 5.68 8.90
C ILE A 108 9.90 6.37 7.63
N GLY A 109 9.33 5.60 6.72
CA GLY A 109 8.81 6.17 5.49
C GLY A 109 7.71 5.27 4.94
N ILE A 110 7.06 5.76 3.89
CA ILE A 110 5.97 5.03 3.21
C ILE A 110 6.30 4.90 1.72
N ILE A 111 6.21 3.71 1.17
CA ILE A 111 6.20 3.54 -0.31
C ILE A 111 4.90 2.81 -0.73
N SER A 112 4.08 3.54 -1.48
CA SER A 112 2.71 3.14 -1.65
C SER A 112 2.28 3.37 -3.08
N THR A 113 1.29 2.58 -3.54
CA THR A 113 0.69 2.82 -4.85
C THR A 113 -0.44 3.87 -4.78
N LYS A 114 -0.99 4.10 -3.59
CA LYS A 114 -2.02 5.10 -3.40
C LYS A 114 -1.35 6.47 -3.63
N TYR A 115 -2.11 7.45 -4.10
CA TYR A 115 -1.58 8.78 -4.32
C TYR A 115 -1.11 9.36 -3.01
N ARG A 116 0.07 9.96 -3.06
CA ARG A 116 0.67 10.63 -1.91
C ARG A 116 -0.17 11.72 -1.30
N PHE A 117 -0.79 12.56 -2.15
CA PHE A 117 -1.72 13.60 -1.66
C PHE A 117 -2.84 12.97 -0.82
N ARG A 118 -3.27 11.78 -1.20
CA ARG A 118 -4.34 11.10 -0.51
C ARG A 118 -3.88 10.60 0.88
N ILE A 119 -2.68 10.02 0.91
CA ILE A 119 -2.00 9.61 2.14
C ILE A 119 -1.76 10.77 3.11
N LEU A 120 -1.33 11.91 2.59
CA LEU A 120 -1.01 13.06 3.44
C LEU A 120 -2.27 13.59 4.07
N SER A 121 -3.34 13.59 3.31
CA SER A 121 -4.62 14.07 3.82
C SER A 121 -5.15 13.15 4.95
N PHE A 122 -5.00 11.83 4.76
CA PHE A 122 -5.30 10.86 5.80
C PHE A 122 -4.46 11.12 7.05
N LEU A 123 -3.17 11.30 6.85
CA LEU A 123 -2.21 11.51 7.93
C LEU A 123 -2.47 12.76 8.71
N ARG A 124 -2.86 13.82 8.02
CA ARG A 124 -3.11 15.09 8.68
C ARG A 124 -4.05 15.03 9.87
N ASN A 125 -5.12 14.24 9.76
CA ASN A 125 -6.05 14.07 10.89
C ASN A 125 -6.01 12.70 11.62
N HIS A 126 -4.88 12.01 11.49
CA HIS A 126 -4.58 10.77 12.26
C HIS A 126 -3.21 10.77 12.98
N MSE A 127 -2.10 10.63 12.25
CA MSE A 127 -0.75 10.59 12.88
C MSE A 127 -0.33 11.99 13.34
O MSE A 127 -0.82 12.98 12.80
CB MSE A 127 0.35 10.01 11.96
CG MSE A 127 -0.15 9.05 10.96
SE MSE A 127 0.52 7.22 11.06
CE MSE A 127 -0.75 6.31 9.85
N PRO A 128 0.56 12.07 14.35
CA PRO A 128 1.18 13.38 14.56
C PRO A 128 1.94 13.81 13.30
N ASP A 129 1.89 15.10 12.98
CA ASP A 129 2.65 15.63 11.85
C ASP A 129 4.07 15.83 12.39
N ASP A 130 5.12 15.60 11.59
CA ASP A 130 5.09 14.87 10.33
C ASP A 130 5.98 13.68 10.53
N TRP A 131 5.37 12.49 10.54
CA TRP A 131 6.05 11.28 11.04
C TRP A 131 7.41 10.89 10.51
N PHE A 132 7.73 11.07 9.25
CA PHE A 132 7.68 10.13 8.14
C PHE A 132 8.79 10.84 7.37
N ASP A 133 9.99 10.27 7.44
CA ASP A 133 11.12 10.88 6.79
C ASP A 133 10.94 10.96 5.27
N ILE A 134 10.13 10.06 4.72
CA ILE A 134 9.81 10.07 3.29
C ILE A 134 8.50 9.35 2.99
N ILE A 135 7.76 9.88 2.01
CA ILE A 135 6.54 9.29 1.54
C ILE A 135 6.63 9.41 0.04
N ILE A 136 6.55 8.26 -0.61
CA ILE A 136 6.49 8.07 -2.06
C ILE A 136 5.12 7.45 -2.33
N GLY A 137 4.31 8.13 -3.16
CA GLY A 137 2.97 7.64 -3.56
C GLY A 137 2.93 7.25 -5.03
N GLY A 138 1.76 6.81 -5.50
CA GLY A 138 1.55 6.43 -6.92
C GLY A 138 1.89 7.50 -7.96
N GLU A 139 1.64 8.76 -7.67
CA GLU A 139 1.95 9.81 -8.64
C GLU A 139 3.48 10.18 -8.68
N ASP A 140 4.25 9.70 -7.71
CA ASP A 140 5.69 10.02 -7.65
C ASP A 140 6.58 9.17 -8.58
N VAL A 141 5.97 8.20 -9.26
CA VAL A 141 6.71 7.17 -10.03
C VAL A 141 5.96 6.87 -11.32
N THR A 142 6.73 6.48 -12.33
CA THR A 142 6.15 6.12 -13.62
C THR A 142 5.68 4.67 -13.61
N HIS A 143 6.51 3.78 -13.05
CA HIS A 143 6.23 2.35 -12.94
C HIS A 143 5.99 1.99 -11.51
N HIS A 144 5.00 1.14 -11.30
CA HIS A 144 4.46 0.95 -9.96
C HIS A 144 4.82 -0.42 -9.40
N LYS A 145 4.74 -0.59 -8.07
CA LYS A 145 5.06 -1.88 -7.41
C LYS A 145 4.35 -2.98 -8.15
N PRO A 146 5.00 -4.15 -8.35
CA PRO A 146 6.30 -4.61 -7.84
C PRO A 146 7.57 -3.99 -8.46
N ASP A 147 7.44 -3.04 -9.39
CA ASP A 147 8.63 -2.33 -9.86
C ASP A 147 9.27 -1.60 -8.68
N PRO A 148 10.60 -1.76 -8.50
CA PRO A 148 11.29 -1.15 -7.34
C PRO A 148 11.54 0.37 -7.45
N GLU A 149 11.00 1.04 -8.46
CA GLU A 149 11.31 2.47 -8.73
C GLU A 149 11.12 3.35 -7.50
N GLY A 150 9.96 3.23 -6.87
CA GLY A 150 9.64 4.04 -5.71
C GLY A 150 10.47 3.69 -4.49
N LEU A 151 10.65 2.39 -4.26
CA LEU A 151 11.45 1.91 -3.14
C LEU A 151 12.90 2.40 -3.29
N LEU A 152 13.49 2.17 -4.47
CA LEU A 152 14.84 2.63 -4.76
C LEU A 152 14.94 4.16 -4.69
N LEU A 153 13.89 4.85 -5.12
CA LEU A 153 13.83 6.31 -5.03
C LEU A 153 13.95 6.77 -3.57
N ALA A 154 13.14 6.18 -2.68
CA ALA A 154 13.16 6.51 -1.26
C ALA A 154 14.53 6.30 -0.58
N ILE A 155 15.10 5.10 -0.79
CA ILE A 155 16.45 4.75 -0.31
C ILE A 155 17.47 5.80 -0.77
N ASP A 156 17.37 6.18 -2.05
CA ASP A 156 18.22 7.23 -2.63
C ASP A 156 18.07 8.59 -1.94
N ARG A 157 16.83 9.04 -1.79
CA ARG A 157 16.53 10.32 -1.15
C ARG A 157 16.96 10.39 0.33
N LEU A 158 16.85 9.27 1.02
CA LEU A 158 17.26 9.16 2.43
C LEU A 158 18.80 8.99 2.64
N LYS A 159 19.56 8.85 1.55
CA LYS A 159 20.99 8.50 1.57
C LYS A 159 21.20 7.27 2.45
N ALA A 160 20.32 6.28 2.26
CA ALA A 160 20.37 5.06 3.02
C ALA A 160 21.18 3.99 2.30
N CYS A 161 21.65 3.03 3.09
CA CYS A 161 22.26 1.83 2.57
CA CYS A 161 22.30 1.80 2.65
C CYS A 161 21.22 0.71 2.60
N PRO A 162 21.02 0.02 1.45
CA PRO A 162 19.91 -0.94 1.42
C PRO A 162 20.02 -2.02 2.51
N GLU A 163 21.24 -2.32 2.94
CA GLU A 163 21.46 -3.26 4.04
C GLU A 163 20.78 -2.85 5.35
N GLU A 164 20.54 -1.56 5.54
CA GLU A 164 19.91 -1.09 6.78
C GLU A 164 18.41 -0.82 6.67
N VAL A 165 17.84 -1.26 5.55
CA VAL A 165 16.44 -0.99 5.19
C VAL A 165 15.59 -2.25 5.29
N LEU A 166 14.50 -2.13 6.05
CA LEU A 166 13.47 -3.15 6.09
C LEU A 166 12.22 -2.63 5.39
N TYR A 167 11.70 -3.40 4.44
CA TYR A 167 10.40 -3.07 3.85
C TYR A 167 9.29 -3.97 4.43
N ILE A 168 8.18 -3.37 4.86
CA ILE A 168 7.09 -4.10 5.53
C ILE A 168 5.77 -3.93 4.77
N GLY A 169 5.15 -5.04 4.35
CA GLY A 169 3.94 -4.93 3.51
C GLY A 169 3.03 -6.10 3.82
N ASP A 170 1.82 -6.05 3.25
CA ASP A 170 0.83 -7.10 3.47
C ASP A 170 0.60 -8.06 2.29
N SER A 171 1.24 -7.77 1.15
CA SER A 171 0.96 -8.45 -0.11
C SER A 171 2.20 -9.01 -0.75
N THR A 172 1.99 -9.91 -1.70
CA THR A 172 3.07 -10.42 -2.53
C THR A 172 3.63 -9.39 -3.47
N VAL A 173 2.81 -8.40 -3.88
CA VAL A 173 3.30 -7.19 -4.59
C VAL A 173 4.42 -6.52 -3.78
N ASP A 174 4.17 -6.37 -2.49
CA ASP A 174 5.17 -5.73 -1.61
C ASP A 174 6.39 -6.61 -1.49
N ALA A 175 6.17 -7.93 -1.32
CA ALA A 175 7.28 -8.87 -1.20
C ALA A 175 8.13 -8.85 -2.45
N GLY A 176 7.48 -8.92 -3.63
CA GLY A 176 8.14 -8.75 -4.91
C GLY A 176 8.91 -7.44 -5.02
N THR A 177 8.34 -6.35 -4.48
CA THR A 177 9.00 -5.03 -4.56
C THR A 177 10.29 -5.04 -3.76
N ALA A 178 10.26 -5.56 -2.55
CA ALA A 178 11.49 -5.59 -1.74
C ALA A 178 12.58 -6.43 -2.41
N ALA A 179 12.20 -7.62 -2.91
CA ALA A 179 13.17 -8.50 -3.62
C ALA A 179 13.77 -7.78 -4.81
N ALA A 180 12.91 -7.25 -5.67
CA ALA A 180 13.39 -6.45 -6.80
C ALA A 180 14.37 -5.33 -6.39
N ALA A 181 14.11 -4.68 -5.24
CA ALA A 181 14.99 -3.62 -4.72
C ALA A 181 16.25 -4.13 -4.01
N GLY A 182 16.31 -5.43 -3.69
CA GLY A 182 17.44 -5.99 -2.95
C GLY A 182 17.44 -5.51 -1.50
N VAL A 183 16.25 -5.41 -0.91
CA VAL A 183 16.12 -5.08 0.52
C VAL A 183 15.33 -6.15 1.31
N SER A 184 15.63 -6.29 2.61
CA SER A 184 14.91 -7.22 3.46
C SER A 184 13.40 -6.94 3.57
N PHE A 185 12.62 -8.02 3.62
CA PHE A 185 11.15 -7.92 3.72
C PHE A 185 10.54 -8.55 4.96
N THR A 186 9.58 -7.85 5.57
CA THR A 186 8.76 -8.48 6.59
C THR A 186 7.30 -8.41 6.16
N GLY A 187 6.71 -9.58 5.97
CA GLY A 187 5.31 -9.65 5.58
C GLY A 187 4.42 -9.58 6.82
N VAL A 188 3.31 -8.87 6.68
CA VAL A 188 2.26 -8.80 7.71
CA VAL A 188 2.28 -8.84 7.73
C VAL A 188 0.94 -9.26 7.12
N THR A 189 0.34 -10.30 7.69
CA THR A 189 -0.91 -10.85 7.15
C THR A 189 -2.15 -10.06 7.54
N SER A 190 -2.08 -8.72 7.47
CA SER A 190 -3.22 -7.83 7.78
C SER A 190 -4.02 -7.46 6.53
N GLY A 191 -3.63 -8.00 5.38
CA GLY A 191 -4.38 -7.83 4.14
C GLY A 191 -5.15 -9.08 3.76
N MSE A 192 -5.06 -9.46 2.49
CA MSE A 192 -5.71 -10.67 1.98
C MSE A 192 -4.71 -11.78 1.63
O MSE A 192 -5.10 -12.82 1.10
CB MSE A 192 -6.53 -10.38 0.72
CG MSE A 192 -7.60 -9.40 0.87
SE MSE A 192 -9.06 -10.00 1.88
CE MSE A 192 -9.71 -11.42 0.72
N THR A 193 -3.44 -11.52 1.91
CA THR A 193 -2.36 -12.47 1.64
C THR A 193 -2.03 -13.25 2.91
N THR A 194 -2.00 -14.58 2.75
CA THR A 194 -1.73 -15.52 3.83
C THR A 194 -0.24 -15.83 3.92
N ALA A 195 0.20 -16.40 5.07
CA ALA A 195 1.59 -16.79 5.25
C ALA A 195 2.06 -17.81 4.19
N GLN A 196 1.16 -18.72 3.80
CA GLN A 196 1.46 -19.68 2.73
C GLN A 196 1.77 -18.96 1.42
N GLU A 197 1.01 -17.92 1.09
CA GLU A 197 1.23 -17.16 -0.13
C GLU A 197 2.54 -16.39 -0.17
N PHE A 198 3.05 -15.96 0.98
CA PHE A 198 4.31 -15.21 1.04
C PHE A 198 5.50 -16.09 0.75
N GLN A 199 5.27 -17.42 0.79
CA GLN A 199 6.39 -18.41 0.74
C GLN A 199 7.06 -18.39 -0.62
N ALA A 200 6.33 -17.91 -1.61
CA ALA A 200 6.84 -17.75 -2.96
C ALA A 200 7.95 -16.70 -3.06
N TYR A 201 8.15 -15.92 -2.00
CA TYR A 201 9.10 -14.78 -2.01
C TYR A 201 9.93 -14.74 -0.73
N PRO A 202 11.10 -14.06 -0.77
CA PRO A 202 11.96 -13.95 0.42
C PRO A 202 11.37 -13.07 1.52
N TYR A 203 11.61 -13.45 2.77
CA TYR A 203 11.17 -12.65 3.93
C TYR A 203 12.11 -12.94 5.10
N ASP A 204 12.12 -12.03 6.06
CA ASP A 204 12.73 -12.25 7.35
C ASP A 204 11.82 -13.00 8.27
N ARG A 205 10.65 -12.40 8.49
CA ARG A 205 9.57 -12.93 9.29
C ARG A 205 8.26 -12.66 8.56
N ILE A 206 7.23 -13.40 8.96
CA ILE A 206 5.86 -13.14 8.57
CA ILE A 206 5.86 -13.12 8.59
C ILE A 206 5.08 -13.04 9.88
N ILE A 207 4.52 -11.86 10.15
CA ILE A 207 3.85 -11.57 11.42
C ILE A 207 2.36 -11.43 11.22
N SER A 208 1.57 -11.53 12.29
CA SER A 208 0.12 -11.30 12.18
C SER A 208 -0.26 -9.86 12.35
N THR A 209 0.48 -9.15 13.21
CA THR A 209 0.13 -7.76 13.50
C THR A 209 1.39 -6.94 13.47
N LEU A 210 1.24 -5.66 13.16
CA LEU A 210 2.36 -4.75 13.08
C LEU A 210 3.13 -4.65 14.38
N GLY A 211 2.39 -4.79 15.50
CA GLY A 211 2.97 -4.68 16.85
C GLY A 211 4.07 -5.70 17.13
N GLN A 212 4.00 -6.80 16.39
CA GLN A 212 4.97 -7.86 16.47
C GLN A 212 6.29 -7.47 15.84
N LEU A 213 6.28 -6.38 15.11
CA LEU A 213 7.51 -5.84 14.55
C LEU A 213 8.48 -5.48 15.67
N ILE A 214 7.93 -5.04 16.79
CA ILE A 214 8.67 -4.74 18.02
C ILE A 214 8.83 -6.01 18.83
P PO4 B . -0.63 0.31 -1.37
O1 PO4 B . -0.84 -1.10 -0.77
O2 PO4 B . -0.44 1.27 -0.21
O3 PO4 B . 0.59 0.35 -2.24
O4 PO4 B . -1.87 0.68 -2.12
P PO4 C . 2.89 0.33 -14.24
O1 PO4 C . 1.72 -0.50 -14.76
O2 PO4 C . 3.59 -0.40 -13.12
O3 PO4 C . 3.93 0.54 -15.33
O4 PO4 C . 2.36 1.65 -13.73
C1 GOL D . -9.19 13.50 2.05
O1 GOL D . -10.02 13.00 1.03
C2 GOL D . -9.79 13.15 3.40
O2 GOL D . -10.97 13.91 3.54
C3 GOL D . -8.75 13.43 4.50
O3 GOL D . -9.21 13.01 5.77
#